data_8UC6
#
_entry.id   8UC6
#
_cell.length_a   87.841
_cell.length_b   87.841
_cell.length_c   183.894
_cell.angle_alpha   90.000
_cell.angle_beta   90.000
_cell.angle_gamma   120.000
#
_symmetry.space_group_name_H-M   'P 65 2 2'
#
loop_
_entity.id
_entity.type
_entity.pdbx_description
1 polymer Calpain-7
2 polymer 'IST1 homolog'
3 water water
#
loop_
_entity_poly.entity_id
_entity_poly.type
_entity_poly.pdbx_seq_one_letter_code
_entity_poly.pdbx_strand_id
1 'polypeptide(L)'
;MDATALERDAVQFARLAVQRDHEGRYSEAVFYYKEAAQALIYAEMAGSSLENIQEKITEYLERVQALHSAVQSKSADPLK
SKHQLDLERAHFLVTQAFDEDEKENVEDAIELYTEAVDLCLKTSYETADKVLQNKLKQLARQALDRAEALSEPLTKPVGK
ISSTS
;
C,B
2 'polypeptide(L)' NFVLPELPSVPDTLPTASAGASTSASEDIDFDDLSRRFEELKKKT G,E
#
# COMPACT_ATOMS: atom_id res chain seq x y z
N MET A 1 26.76 -32.06 -49.59
CA MET A 1 27.38 -31.06 -48.71
C MET A 1 28.24 -31.76 -47.67
N ASP A 2 29.51 -31.48 -47.65
CA ASP A 2 30.38 -32.13 -46.69
C ASP A 2 30.79 -31.12 -45.62
N ALA A 3 31.56 -31.60 -44.63
CA ALA A 3 31.97 -30.74 -43.54
C ALA A 3 32.72 -29.51 -44.03
N THR A 4 33.60 -29.68 -45.03
CA THR A 4 34.38 -28.56 -45.52
C THR A 4 33.49 -27.45 -46.09
N ALA A 5 32.47 -27.82 -46.86
CA ALA A 5 31.56 -26.77 -47.33
C ALA A 5 30.68 -26.24 -46.19
N LEU A 6 30.30 -27.08 -45.23
CA LEU A 6 29.49 -26.58 -44.11
C LEU A 6 30.30 -25.67 -43.18
N GLU A 7 31.56 -26.04 -42.89
CA GLU A 7 32.39 -25.17 -42.05
C GLU A 7 32.61 -23.80 -42.69
N ARG A 8 32.74 -23.75 -44.03
CA ARG A 8 32.99 -22.46 -44.66
C ARG A 8 31.76 -21.57 -44.62
N ASP A 9 30.58 -22.15 -44.88
CA ASP A 9 29.34 -21.41 -44.67
C ASP A 9 29.22 -20.94 -43.24
N ALA A 10 29.57 -21.80 -42.28
CA ALA A 10 29.48 -21.43 -40.87
C ALA A 10 30.39 -20.26 -40.56
N VAL A 11 31.52 -20.13 -41.28
CA VAL A 11 32.42 -19.02 -41.03
C VAL A 11 31.85 -17.74 -41.63
N GLN A 12 31.21 -17.82 -42.81
CA GLN A 12 30.60 -16.61 -43.38
C GLN A 12 29.36 -16.16 -42.61
N PHE A 13 28.58 -17.10 -42.08
CA PHE A 13 27.41 -16.73 -41.27
C PHE A 13 27.82 -16.05 -39.98
N ALA A 14 28.77 -16.63 -39.26
CA ALA A 14 29.19 -16.07 -37.97
C ALA A 14 29.90 -14.74 -38.15
N ARG A 15 30.72 -14.63 -39.20
CA ARG A 15 31.37 -13.36 -39.47
C ARG A 15 30.33 -12.26 -39.70
N LEU A 16 29.24 -12.59 -40.38
CA LEU A 16 28.21 -11.59 -40.59
C LEU A 16 27.38 -11.35 -39.33
N ALA A 17 27.16 -12.39 -38.51
CA ALA A 17 26.41 -12.21 -37.27
C ALA A 17 27.16 -11.33 -36.29
N VAL A 18 28.49 -11.45 -36.24
CA VAL A 18 29.24 -10.71 -35.23
C VAL A 18 29.32 -9.25 -35.61
N GLN A 19 29.36 -8.95 -36.91
CA GLN A 19 29.41 -7.56 -37.33
C GLN A 19 28.06 -6.88 -37.19
N ARG A 20 26.97 -7.63 -37.35
CA ARG A 20 25.65 -7.10 -37.00
C ARG A 20 25.50 -6.99 -35.49
N ASP A 21 26.06 -7.96 -34.76
CA ASP A 21 26.14 -7.84 -33.31
C ASP A 21 26.90 -6.58 -32.92
N HIS A 22 27.99 -6.29 -33.61
CA HIS A 22 28.75 -5.08 -33.31
C HIS A 22 27.92 -3.84 -33.56
N GLU A 23 27.16 -3.83 -34.65
CA GLU A 23 26.34 -2.71 -35.06
C GLU A 23 25.04 -2.58 -34.25
N GLY A 24 24.90 -3.35 -33.17
CA GLY A 24 23.66 -3.33 -32.43
C GLY A 24 22.45 -3.83 -33.17
N ARG A 25 22.63 -4.32 -34.41
CA ARG A 25 21.50 -4.83 -35.21
C ARG A 25 21.23 -6.26 -34.75
N TYR A 26 20.74 -6.35 -33.52
CA TYR A 26 20.76 -7.63 -32.82
C TYR A 26 19.80 -8.61 -33.45
N SER A 27 18.72 -8.12 -34.05
CA SER A 27 17.77 -9.09 -34.55
C SER A 27 18.23 -9.79 -35.83
N GLU A 28 19.11 -9.18 -36.65
CA GLU A 28 19.53 -9.96 -37.81
C GLU A 28 20.75 -10.79 -37.43
N ALA A 29 21.41 -10.41 -36.34
CA ALA A 29 22.56 -11.15 -35.87
C ALA A 29 22.12 -12.45 -35.22
N VAL A 30 20.94 -12.47 -34.59
CA VAL A 30 20.37 -13.73 -34.12
C VAL A 30 20.17 -14.70 -35.28
N PHE A 31 19.63 -14.19 -36.38
CA PHE A 31 19.39 -15.05 -37.55
C PHE A 31 20.69 -15.66 -38.06
N TYR A 32 21.75 -14.86 -38.17
CA TYR A 32 22.99 -15.42 -38.71
C TYR A 32 23.75 -16.25 -37.69
N TYR A 33 23.63 -15.95 -36.39
CA TYR A 33 24.14 -16.88 -35.38
C TYR A 33 23.40 -18.20 -35.46
N LYS A 34 22.07 -18.16 -35.62
CA LYS A 34 21.33 -19.42 -35.75
C LYS A 34 21.69 -20.16 -37.03
N GLU A 35 21.99 -19.43 -38.11
CA GLU A 35 22.45 -20.10 -39.32
C GLU A 35 23.85 -20.69 -39.13
N ALA A 36 24.73 -19.96 -38.43
CA ALA A 36 26.07 -20.45 -38.14
C ALA A 36 26.04 -21.75 -37.36
N ALA A 37 25.34 -21.76 -36.21
CA ALA A 37 25.26 -22.97 -35.40
C ALA A 37 24.70 -24.13 -36.22
N GLN A 38 23.60 -23.87 -36.94
CA GLN A 38 22.99 -24.92 -37.74
C GLN A 38 23.98 -25.47 -38.79
N ALA A 39 24.75 -24.59 -39.44
CA ALA A 39 25.75 -25.11 -40.38
C ALA A 39 26.75 -26.01 -39.67
N LEU A 40 27.18 -25.62 -38.48
CA LEU A 40 28.11 -26.43 -37.71
C LEU A 40 27.47 -27.74 -37.23
N ILE A 41 26.20 -27.69 -36.80
CA ILE A 41 25.52 -28.93 -36.39
C ILE A 41 25.52 -29.94 -37.53
N TYR A 42 25.13 -29.52 -38.74
CA TYR A 42 25.23 -30.39 -39.91
C TYR A 42 26.68 -30.79 -40.17
N ALA A 43 27.62 -29.88 -39.98
CA ALA A 43 29.01 -30.22 -40.22
C ALA A 43 29.50 -31.30 -39.26
N GLU A 44 29.08 -31.27 -37.99
CA GLU A 44 29.51 -32.36 -37.12
C GLU A 44 28.83 -33.67 -37.52
N MET A 45 27.58 -33.62 -37.99
CA MET A 45 26.94 -34.83 -38.50
C MET A 45 27.67 -35.40 -39.71
N ALA A 46 28.37 -34.55 -40.47
CA ALA A 46 29.09 -34.96 -41.66
C ALA A 46 30.54 -35.34 -41.35
N GLY A 47 30.91 -35.45 -40.08
CA GLY A 47 32.23 -35.90 -39.69
C GLY A 47 33.29 -34.84 -39.59
N SER A 48 32.92 -33.62 -39.23
CA SER A 48 33.87 -32.52 -39.13
C SER A 48 35.03 -32.86 -38.21
N SER A 49 36.24 -32.55 -38.68
CA SER A 49 37.46 -32.68 -37.90
C SER A 49 37.84 -31.41 -37.17
N LEU A 50 36.98 -30.39 -37.20
CA LEU A 50 37.30 -29.12 -36.57
C LEU A 50 37.25 -29.28 -35.05
N GLU A 51 38.29 -28.83 -34.36
CA GLU A 51 38.55 -29.35 -33.01
C GLU A 51 37.76 -28.64 -31.91
N ASN A 52 37.37 -27.38 -32.10
CA ASN A 52 36.55 -26.64 -31.15
C ASN A 52 35.11 -26.50 -31.61
N ILE A 53 34.59 -27.48 -32.34
CA ILE A 53 33.30 -27.26 -32.99
C ILE A 53 32.17 -27.18 -31.96
N GLN A 54 32.16 -28.06 -30.95
CA GLN A 54 31.07 -28.08 -30.00
C GLN A 54 31.03 -26.81 -29.17
N GLU A 55 32.20 -26.36 -28.74
CA GLU A 55 32.34 -25.06 -28.09
C GLU A 55 31.73 -23.95 -28.92
N LYS A 56 32.08 -23.89 -30.21
CA LYS A 56 31.67 -22.76 -31.05
C LYS A 56 30.17 -22.81 -31.34
N ILE A 57 29.62 -24.01 -31.51
CA ILE A 57 28.16 -24.15 -31.50
C ILE A 57 27.57 -23.51 -30.25
N THR A 58 28.07 -23.92 -29.08
CA THR A 58 27.52 -23.46 -27.81
C THR A 58 27.74 -21.96 -27.62
N GLU A 59 28.90 -21.46 -28.03
CA GLU A 59 29.15 -20.02 -28.02
C GLU A 59 28.04 -19.27 -28.77
N TYR A 60 27.79 -19.66 -30.03
CA TYR A 60 26.86 -18.90 -30.85
C TYR A 60 25.45 -18.98 -30.30
N LEU A 61 25.04 -20.16 -29.84
CA LEU A 61 23.67 -20.28 -29.33
C LEU A 61 23.49 -19.50 -28.03
N GLU A 62 24.52 -19.48 -27.17
CA GLU A 62 24.46 -18.65 -25.96
C GLU A 62 24.37 -17.17 -26.31
N ARG A 63 25.12 -16.73 -27.34
CA ARG A 63 25.02 -15.35 -27.77
C ARG A 63 23.60 -15.00 -28.25
N VAL A 64 22.85 -16.00 -28.73
CA VAL A 64 21.48 -15.74 -29.11
C VAL A 64 20.62 -15.55 -27.87
N GLN A 65 20.92 -16.29 -26.80
CA GLN A 65 20.18 -16.09 -25.57
C GLN A 65 20.55 -14.77 -24.91
N ALA A 66 21.84 -14.40 -24.97
CA ALA A 66 22.28 -13.12 -24.40
C ALA A 66 21.63 -11.96 -25.13
N LEU A 67 21.49 -12.07 -26.45
CA LEU A 67 20.91 -11.01 -27.25
C LEU A 67 19.39 -11.02 -27.16
N HIS A 68 18.79 -12.15 -26.80
CA HIS A 68 17.34 -12.23 -26.69
C HIS A 68 16.81 -11.21 -25.69
N SER A 69 17.51 -11.02 -24.58
CA SER A 69 17.18 -9.91 -23.67
C SER A 69 17.41 -8.55 -24.37
N ASP A 77 10.88 -7.82 -14.30
CA ASP A 77 10.23 -9.12 -14.47
C ASP A 77 9.52 -9.49 -13.19
N PRO A 78 10.17 -10.32 -12.35
CA PRO A 78 9.72 -10.45 -10.96
C PRO A 78 10.08 -9.26 -10.09
N LEU A 79 11.00 -8.41 -10.55
CA LEU A 79 11.26 -7.16 -9.84
C LEU A 79 10.16 -6.13 -10.06
N LYS A 80 9.54 -6.13 -11.24
CA LYS A 80 8.40 -5.25 -11.49
C LYS A 80 7.21 -5.67 -10.63
N SER A 81 7.00 -6.98 -10.47
CA SER A 81 5.98 -7.48 -9.54
C SER A 81 6.20 -6.91 -8.14
N LYS A 82 7.44 -7.00 -7.63
CA LYS A 82 7.73 -6.50 -6.30
C LYS A 82 7.45 -5.01 -6.18
N HIS A 83 7.81 -4.23 -7.20
CA HIS A 83 7.66 -2.78 -7.14
C HIS A 83 6.23 -2.34 -7.35
N GLN A 84 5.44 -3.10 -8.10
CA GLN A 84 4.01 -2.82 -8.18
C GLN A 84 3.35 -2.98 -6.82
N LEU A 85 3.73 -4.02 -6.08
CA LEU A 85 3.15 -4.22 -4.76
C LEU A 85 3.64 -3.17 -3.77
N ASP A 86 4.93 -2.81 -3.87
CA ASP A 86 5.45 -1.77 -2.96
C ASP A 86 4.69 -0.46 -3.15
N LEU A 87 4.43 -0.09 -4.40
CA LEU A 87 3.68 1.15 -4.65
C LEU A 87 2.25 1.03 -4.16
N GLU A 88 1.63 -0.13 -4.35
CA GLU A 88 0.26 -0.28 -3.87
C GLU A 88 0.22 -0.10 -2.36
N ARG A 89 1.28 -0.56 -1.67
CA ARG A 89 1.35 -0.43 -0.22
C ARG A 89 1.54 1.01 0.19
N ALA A 90 2.46 1.73 -0.46
CA ALA A 90 2.62 3.14 -0.16
C ALA A 90 1.30 3.87 -0.36
N HIS A 91 0.65 3.61 -1.49
CA HIS A 91 -0.64 4.24 -1.71
C HIS A 91 -1.63 3.86 -0.61
N PHE A 92 -1.60 2.61 -0.15
CA PHE A 92 -2.50 2.15 0.90
C PHE A 92 -2.19 2.84 2.22
N LEU A 93 -0.91 2.91 2.58
CA LEU A 93 -0.50 3.57 3.81
C LEU A 93 -0.93 5.03 3.83
N VAL A 94 -0.64 5.77 2.74
CA VAL A 94 -1.06 7.17 2.66
C VAL A 94 -2.59 7.28 2.74
N THR A 95 -3.31 6.36 2.10
CA THR A 95 -4.76 6.39 2.20
C THR A 95 -5.23 6.23 3.64
N GLN A 96 -4.68 5.23 4.36
CA GLN A 96 -4.99 5.09 5.79
C GLN A 96 -4.67 6.37 6.55
N ALA A 97 -3.50 6.95 6.29
CA ALA A 97 -3.13 8.21 6.96
C ALA A 97 -4.14 9.29 6.64
N PHE A 98 -4.57 9.38 5.36
CA PHE A 98 -5.63 10.31 4.98
C PHE A 98 -6.87 10.09 5.83
N ASP A 99 -7.21 8.84 6.10
CA ASP A 99 -8.35 8.53 6.96
C ASP A 99 -8.16 9.09 8.37
N GLU A 100 -7.02 8.80 9.01
CA GLU A 100 -6.80 9.32 10.36
C GLU A 100 -6.67 10.83 10.34
N ASP A 101 -6.09 11.38 9.27
CA ASP A 101 -5.99 12.83 9.16
C ASP A 101 -7.38 13.48 9.23
N GLU A 102 -8.32 13.05 8.37
CA GLU A 102 -9.65 13.66 8.40
C GLU A 102 -10.40 13.42 9.70
N LYS A 103 -10.18 12.28 10.37
CA LYS A 103 -10.82 12.03 11.65
C LYS A 103 -10.12 12.73 12.82
N GLU A 104 -9.05 13.46 12.54
CA GLU A 104 -8.29 14.19 13.56
C GLU A 104 -7.72 13.26 14.62
N ASN A 105 -7.41 12.03 14.21
CA ASN A 105 -6.58 11.11 14.97
C ASN A 105 -5.14 11.42 14.58
N VAL A 106 -4.60 12.46 15.23
CA VAL A 106 -3.37 13.11 14.79
C VAL A 106 -2.18 12.17 14.92
N GLU A 107 -2.09 11.45 16.03
CA GLU A 107 -0.88 10.65 16.28
C GLU A 107 -0.76 9.47 15.31
N ASP A 108 -1.86 8.77 15.06
CA ASP A 108 -1.80 7.68 14.10
C ASP A 108 -1.55 8.22 12.68
N ALA A 109 -2.13 9.36 12.35
CA ALA A 109 -1.87 9.96 11.03
C ALA A 109 -0.40 10.24 10.84
N ILE A 110 0.28 10.73 11.88
CA ILE A 110 1.71 10.97 11.81
C ILE A 110 2.44 9.63 11.64
N GLU A 111 2.10 8.62 12.44
CA GLU A 111 2.79 7.35 12.29
C GLU A 111 2.61 6.78 10.89
N LEU A 112 1.38 6.83 10.37
CA LEU A 112 1.11 6.28 9.06
C LEU A 112 1.79 7.10 7.95
N TYR A 113 1.89 8.43 8.10
CA TYR A 113 2.55 9.21 7.06
C TYR A 113 4.04 8.91 7.01
N THR A 114 4.65 8.70 8.15
CA THR A 114 6.07 8.43 8.19
C THR A 114 6.45 6.99 7.86
N GLU A 115 5.53 6.05 8.03
CA GLU A 115 5.81 4.72 7.51
C GLU A 115 5.74 4.73 5.98
N ALA A 116 4.83 5.54 5.43
CA ALA A 116 4.80 5.75 3.99
C ALA A 116 6.11 6.35 3.51
N VAL A 117 6.67 7.29 4.27
CA VAL A 117 7.94 7.89 3.90
C VAL A 117 9.02 6.82 3.79
N ASP A 118 9.18 6.00 4.84
CA ASP A 118 10.22 4.97 4.82
C ASP A 118 10.06 4.05 3.63
N LEU A 119 8.81 3.66 3.30
CA LEU A 119 8.58 2.74 2.20
C LEU A 119 8.91 3.37 0.87
N CYS A 120 8.68 4.67 0.74
CA CYS A 120 8.94 5.35 -0.52
C CYS A 120 10.43 5.54 -0.73
N LEU A 121 11.16 5.90 0.32
CA LEU A 121 12.61 6.05 0.18
C LEU A 121 13.27 4.69 -0.02
N LYS A 122 12.80 3.68 0.70
CA LYS A 122 13.44 2.39 0.60
C LYS A 122 13.26 1.78 -0.80
N THR A 123 12.04 1.87 -1.34
CA THR A 123 11.78 1.39 -2.69
C THR A 123 12.61 2.13 -3.73
N SER A 124 12.98 3.39 -3.48
CA SER A 124 13.66 4.11 -4.54
C SER A 124 15.14 3.76 -4.61
N TYR A 125 15.66 3.01 -3.65
CA TYR A 125 17.00 2.46 -3.71
C TYR A 125 17.05 1.14 -4.46
N GLU A 126 15.87 0.58 -4.79
CA GLU A 126 15.73 -0.69 -5.47
C GLU A 126 15.49 -0.55 -6.96
N THR A 127 15.80 0.61 -7.54
CA THR A 127 15.46 0.85 -8.93
C THR A 127 16.46 1.83 -9.50
N ALA A 128 16.65 1.74 -10.82
CA ALA A 128 17.46 2.74 -11.51
C ALA A 128 16.61 3.70 -12.32
N ASP A 129 15.30 3.46 -12.43
CA ASP A 129 14.37 4.33 -13.13
C ASP A 129 14.26 5.67 -12.41
N LYS A 130 14.94 6.69 -12.94
CA LYS A 130 14.97 7.98 -12.28
C LYS A 130 13.59 8.61 -12.22
N VAL A 131 12.67 8.24 -13.11
CA VAL A 131 11.33 8.83 -13.04
C VAL A 131 10.56 8.21 -11.89
N LEU A 132 10.74 6.91 -11.67
CA LEU A 132 10.19 6.28 -10.48
C LEU A 132 10.82 6.85 -9.21
N GLN A 133 12.15 7.03 -9.19
CA GLN A 133 12.82 7.58 -8.02
C GLN A 133 12.22 8.92 -7.60
N ASN A 134 12.02 9.82 -8.56
CA ASN A 134 11.49 11.12 -8.20
C ASN A 134 10.03 11.04 -7.78
N LYS A 135 9.23 10.16 -8.38
CA LYS A 135 7.85 10.10 -7.93
C LYS A 135 7.77 9.59 -6.49
N LEU A 136 8.59 8.59 -6.15
CA LEU A 136 8.70 8.11 -4.78
C LEU A 136 9.18 9.19 -3.82
N LYS A 137 10.19 9.97 -4.23
CA LYS A 137 10.69 11.01 -3.36
C LYS A 137 9.71 12.17 -3.25
N GLN A 138 8.89 12.40 -4.28
CA GLN A 138 7.93 13.47 -4.12
C GLN A 138 6.81 13.07 -3.17
N LEU A 139 6.42 11.79 -3.18
CA LEU A 139 5.39 11.36 -2.23
C LEU A 139 5.95 11.32 -0.81
N ALA A 140 7.21 10.88 -0.65
CA ALA A 140 7.84 10.94 0.66
C ALA A 140 7.93 12.39 1.16
N ARG A 141 8.40 13.30 0.30
CA ARG A 141 8.48 14.72 0.68
C ARG A 141 7.13 15.25 1.11
N GLN A 142 6.08 14.95 0.35
CA GLN A 142 4.75 15.46 0.68
C GLN A 142 4.24 14.90 2.00
N ALA A 143 4.42 13.60 2.23
CA ALA A 143 3.93 12.97 3.46
C ALA A 143 4.73 13.46 4.69
N LEU A 144 6.05 13.61 4.56
CA LEU A 144 6.85 14.18 5.64
C LEU A 144 6.37 15.59 5.97
N ASP A 145 6.12 16.42 4.96
CA ASP A 145 5.62 17.77 5.17
C ASP A 145 4.32 17.78 5.98
N ARG A 146 3.39 16.89 5.62
CA ARG A 146 2.11 16.85 6.34
C ARG A 146 2.29 16.29 7.75
N ALA A 147 3.11 15.24 7.91
CA ALA A 147 3.37 14.70 9.24
C ALA A 147 3.92 15.80 10.14
N GLU A 148 4.87 16.57 9.63
CA GLU A 148 5.43 17.61 10.44
C GLU A 148 4.40 18.70 10.73
N ALA A 149 3.45 18.90 9.80
CA ALA A 149 2.40 19.88 10.03
C ALA A 149 1.48 19.43 11.16
N LEU A 150 1.13 18.14 11.17
CA LEU A 150 0.33 17.63 12.27
C LEU A 150 1.13 17.61 13.57
N SER A 151 2.43 17.42 13.50
CA SER A 151 3.21 17.24 14.73
C SER A 151 3.54 18.56 15.40
N GLU A 152 3.70 19.65 14.64
CA GLU A 152 4.14 20.94 15.18
C GLU A 152 3.36 22.08 14.50
N PRO A 153 2.10 22.26 14.88
CA PRO A 153 1.30 23.32 14.24
C PRO A 153 1.85 24.71 14.56
N LEU A 154 2.07 25.50 13.51
CA LEU A 154 2.65 26.84 13.67
C LEU A 154 1.55 27.86 13.97
N VAL B 3 38.29 -18.97 -40.39
CA VAL B 3 38.33 -19.26 -38.95
C VAL B 3 37.14 -18.64 -38.19
N LEU B 4 36.53 -19.42 -37.32
CA LEU B 4 35.27 -19.02 -36.73
C LEU B 4 35.46 -17.84 -35.77
N PRO B 5 34.81 -16.70 -36.00
CA PRO B 5 35.00 -15.55 -35.12
C PRO B 5 34.35 -15.79 -33.77
N GLU B 6 34.73 -14.97 -32.81
CA GLU B 6 34.21 -15.07 -31.46
C GLU B 6 33.14 -14.01 -31.25
N LEU B 7 32.38 -14.18 -30.18
CA LEU B 7 31.36 -13.21 -29.85
C LEU B 7 32.00 -11.96 -29.26
N PRO B 8 31.29 -10.84 -29.33
CA PRO B 8 31.79 -9.60 -28.72
C PRO B 8 31.75 -9.69 -27.21
N SER B 9 32.72 -9.03 -26.56
CA SER B 9 32.62 -8.78 -25.12
C SER B 9 31.33 -8.03 -24.77
N VAL B 10 31.03 -6.99 -25.55
CA VAL B 10 29.83 -6.16 -25.54
C VAL B 10 28.53 -6.92 -25.29
N PRO B 11 27.69 -6.52 -24.31
CA PRO B 11 26.26 -6.90 -24.32
C PRO B 11 25.39 -5.73 -24.80
N ASP B 28 2.23 0.30 -11.78
CA ASP B 28 2.31 1.55 -11.03
C ASP B 28 0.97 1.98 -10.41
N ILE B 29 1.05 2.99 -9.55
CA ILE B 29 -0.13 3.62 -8.95
C ILE B 29 -0.24 5.05 -9.48
N ASP B 30 -1.26 5.75 -9.03
CA ASP B 30 -1.48 7.12 -9.42
C ASP B 30 -1.03 7.99 -8.25
N PHE B 31 0.12 8.62 -8.38
CA PHE B 31 0.57 9.56 -7.36
C PHE B 31 -0.30 10.82 -7.34
N ASP B 32 -0.93 11.14 -8.46
CA ASP B 32 -1.56 12.44 -8.66
C ASP B 32 -2.74 12.65 -7.71
N ASP B 33 -3.58 11.62 -7.51
CA ASP B 33 -4.71 11.83 -6.61
C ASP B 33 -4.20 12.01 -5.18
N LEU B 34 -3.12 11.32 -4.81
CA LEU B 34 -2.45 11.60 -3.56
C LEU B 34 -1.98 13.05 -3.52
N SER B 35 -1.30 13.51 -4.58
CA SER B 35 -0.77 14.88 -4.60
C SER B 35 -1.91 15.89 -4.55
N ARG B 36 -3.00 15.61 -5.25
CA ARG B 36 -4.17 16.47 -5.17
C ARG B 36 -4.67 16.54 -3.73
N ARG B 37 -4.79 15.39 -3.06
CA ARG B 37 -5.29 15.42 -1.68
C ARG B 37 -4.29 16.10 -0.75
N PHE B 38 -3.00 15.92 -0.99
CA PHE B 38 -2.02 16.68 -0.23
C PHE B 38 -2.21 18.17 -0.46
N GLU B 39 -2.48 18.55 -1.71
CA GLU B 39 -2.68 19.95 -2.06
C GLU B 39 -3.84 20.57 -1.28
N GLU B 40 -4.97 19.88 -1.21
CA GLU B 40 -6.09 20.42 -0.43
C GLU B 40 -5.78 20.47 1.06
N LEU B 41 -4.88 19.61 1.55
CA LEU B 41 -4.65 19.55 2.98
C LEU B 41 -3.85 20.74 3.47
N LYS B 42 -3.00 21.31 2.62
CA LYS B 42 -2.25 22.51 2.99
C LYS B 42 -3.18 23.72 3.09
N LYS B 43 -4.48 23.49 3.22
CA LYS B 43 -5.44 24.58 3.36
C LYS B 43 -6.50 24.29 4.42
N MET C 1 -26.45 40.44 32.49
CA MET C 1 -26.91 39.53 31.46
C MET C 1 -28.42 39.38 31.58
N ASP C 2 -29.19 39.79 30.58
CA ASP C 2 -30.64 39.69 30.67
C ASP C 2 -31.15 38.54 29.81
N ALA C 3 -32.47 38.31 29.85
CA ALA C 3 -33.08 37.21 29.08
C ALA C 3 -32.77 37.32 27.60
N THR C 4 -32.76 38.54 27.04
CA THR C 4 -32.45 38.67 25.62
C THR C 4 -31.05 38.13 25.33
N ALA C 5 -30.08 38.44 26.19
CA ALA C 5 -28.73 37.97 25.96
C ALA C 5 -28.62 36.47 26.19
N LEU C 6 -29.32 35.95 27.19
CA LEU C 6 -29.28 34.52 27.44
C LEU C 6 -30.01 33.74 26.35
N GLU C 7 -31.17 34.24 25.88
CA GLU C 7 -31.86 33.54 24.79
C GLU C 7 -30.99 33.50 23.54
N ARG C 8 -30.24 34.57 23.28
CA ARG C 8 -29.38 34.60 22.10
C ARG C 8 -28.22 33.62 22.24
N ASP C 9 -27.66 33.51 23.44
CA ASP C 9 -26.69 32.46 23.72
C ASP C 9 -27.29 31.10 23.49
N ALA C 10 -28.54 30.91 23.92
CA ALA C 10 -29.19 29.62 23.73
C ALA C 10 -29.39 29.30 22.27
N VAL C 11 -29.58 30.32 21.42
CA VAL C 11 -29.84 30.02 20.02
C VAL C 11 -28.57 29.54 19.34
N GLN C 12 -27.43 30.13 19.68
CA GLN C 12 -26.18 29.65 19.11
C GLN C 12 -25.83 28.25 19.63
N PHE C 13 -26.06 28.00 20.92
CA PHE C 13 -25.77 26.68 21.50
C PHE C 13 -26.65 25.60 20.89
N ALA C 14 -27.95 25.86 20.77
CA ALA C 14 -28.85 24.85 20.23
C ALA C 14 -28.60 24.60 18.75
N ARG C 15 -28.27 25.65 17.97
CA ARG C 15 -27.92 25.47 16.55
C ARG C 15 -26.67 24.60 16.39
N LEU C 16 -25.66 24.83 17.23
CA LEU C 16 -24.48 23.99 17.15
C LEU C 16 -24.75 22.61 17.73
N ALA C 17 -25.64 22.50 18.71
CA ALA C 17 -26.02 21.20 19.21
C ALA C 17 -26.73 20.40 18.13
N VAL C 18 -27.60 21.05 17.36
CA VAL C 18 -28.42 20.30 16.41
C VAL C 18 -27.58 19.85 15.23
N GLN C 19 -26.54 20.60 14.87
CA GLN C 19 -25.70 20.16 13.76
C GLN C 19 -24.72 19.06 14.19
N ARG C 20 -24.27 19.06 15.44
CA ARG C 20 -23.50 17.92 15.93
C ARG C 20 -24.38 16.68 16.06
N ASP C 21 -25.64 16.88 16.48
CA ASP C 21 -26.62 15.81 16.47
C ASP C 21 -26.77 15.22 15.07
N HIS C 22 -26.85 16.07 14.05
CA HIS C 22 -26.98 15.61 12.65
C HIS C 22 -25.72 14.90 12.19
N GLU C 23 -24.56 15.37 12.59
CA GLU C 23 -23.29 14.77 12.20
C GLU C 23 -22.96 13.51 13.00
N GLY C 24 -23.91 12.95 13.74
CA GLY C 24 -23.65 11.80 14.59
C GLY C 24 -22.68 12.04 15.73
N ARG C 25 -22.23 13.28 15.94
CA ARG C 25 -21.29 13.63 17.01
C ARG C 25 -22.04 13.87 18.32
N TYR C 26 -22.53 12.77 18.90
CA TYR C 26 -23.54 12.85 19.93
C TYR C 26 -22.99 13.37 21.26
N SER C 27 -21.73 13.07 21.60
CA SER C 27 -21.26 13.52 22.90
C SER C 27 -21.01 15.03 22.93
N GLU C 28 -20.76 15.64 21.77
CA GLU C 28 -20.61 17.08 21.77
C GLU C 28 -21.95 17.76 21.61
N ALA C 29 -22.95 17.05 21.13
CA ALA C 29 -24.27 17.68 21.08
C ALA C 29 -24.91 17.70 22.45
N VAL C 30 -24.63 16.68 23.28
CA VAL C 30 -25.08 16.70 24.67
C VAL C 30 -24.47 17.89 25.38
N PHE C 31 -23.19 18.17 25.11
CA PHE C 31 -22.54 19.32 25.74
C PHE C 31 -23.29 20.60 25.40
N TYR C 32 -23.66 20.78 24.14
CA TYR C 32 -24.29 22.02 23.70
C TYR C 32 -25.79 22.07 23.95
N TYR C 33 -26.48 20.91 23.99
CA TYR C 33 -27.86 20.92 24.43
C TYR C 33 -27.95 21.32 25.89
N LYS C 34 -27.01 20.83 26.72
CA LYS C 34 -26.99 21.23 28.12
C LYS C 34 -26.66 22.71 28.28
N GLU C 35 -25.80 23.27 27.42
CA GLU C 35 -25.54 24.69 27.50
C GLU C 35 -26.77 25.49 27.08
N ALA C 36 -27.49 25.03 26.04
CA ALA C 36 -28.72 25.70 25.64
C ALA C 36 -29.76 25.71 26.78
N ALA C 37 -30.06 24.54 27.35
CA ALA C 37 -31.04 24.50 28.44
C ALA C 37 -30.63 25.41 29.60
N GLN C 38 -29.35 25.37 29.99
CA GLN C 38 -28.89 26.15 31.13
C GLN C 38 -29.07 27.64 30.87
N ALA C 39 -28.78 28.08 29.65
CA ALA C 39 -29.02 29.48 29.30
C ALA C 39 -30.49 29.82 29.40
N LEU C 40 -31.36 28.93 28.90
CA LEU C 40 -32.80 29.15 28.93
C LEU C 40 -33.33 29.18 30.37
N ILE C 41 -32.88 28.27 31.23
CA ILE C 41 -33.29 28.31 32.63
C ILE C 41 -32.90 29.65 33.24
N TYR C 42 -31.68 30.10 33.00
CA TYR C 42 -31.28 31.43 33.46
C TYR C 42 -32.20 32.49 32.87
N ALA C 43 -32.59 32.34 31.60
CA ALA C 43 -33.46 33.31 30.95
C ALA C 43 -34.82 33.37 31.62
N GLU C 44 -35.37 32.21 32.01
CA GLU C 44 -36.67 32.20 32.69
C GLU C 44 -36.58 32.91 34.02
N MET C 45 -35.50 32.67 34.74
CA MET C 45 -35.29 33.28 36.05
C MET C 45 -35.12 34.78 35.92
N ALA C 46 -34.65 35.25 34.76
CA ALA C 46 -34.45 36.67 34.51
C ALA C 46 -35.66 37.35 33.87
N GLY C 47 -36.80 36.67 33.76
CA GLY C 47 -38.00 37.31 33.24
C GLY C 47 -38.21 37.22 31.76
N SER C 48 -37.77 36.13 31.13
CA SER C 48 -38.01 35.90 29.71
C SER C 48 -39.48 36.02 29.35
N SER C 49 -39.79 36.78 28.30
CA SER C 49 -41.14 36.80 27.78
C SER C 49 -41.33 35.76 26.69
N LEU C 50 -40.32 34.93 26.44
CA LEU C 50 -40.37 33.97 25.34
C LEU C 50 -41.34 32.84 25.69
N GLU C 51 -42.27 32.56 24.79
CA GLU C 51 -43.46 31.83 25.20
C GLU C 51 -43.30 30.31 25.14
N ASN C 52 -42.38 29.79 24.33
CA ASN C 52 -42.11 28.36 24.31
C ASN C 52 -40.86 27.98 25.11
N ILE C 53 -40.49 28.77 26.13
CA ILE C 53 -39.19 28.58 26.75
C ILE C 53 -39.15 27.26 27.52
N GLN C 54 -40.22 26.92 28.22
CA GLN C 54 -40.23 25.64 28.94
C GLN C 54 -40.25 24.47 27.97
N GLU C 55 -41.05 24.56 26.91
CA GLU C 55 -41.02 23.55 25.86
C GLU C 55 -39.59 23.28 25.40
N LYS C 56 -38.85 24.35 25.08
CA LYS C 56 -37.52 24.19 24.48
C LYS C 56 -36.53 23.69 25.52
N ILE C 57 -36.65 24.15 26.75
CA ILE C 57 -35.90 23.56 27.85
C ILE C 57 -36.14 22.07 27.91
N THR C 58 -37.42 21.67 27.98
CA THR C 58 -37.74 20.26 28.12
C THR C 58 -37.31 19.47 26.88
N GLU C 59 -37.49 20.06 25.69
CA GLU C 59 -37.05 19.42 24.46
C GLU C 59 -35.56 19.04 24.54
N TYR C 60 -34.71 20.00 24.89
CA TYR C 60 -33.27 19.78 24.82
C TYR C 60 -32.81 18.77 25.87
N LEU C 61 -33.35 18.87 27.08
CA LEU C 61 -32.94 17.94 28.12
C LEU C 61 -33.42 16.54 27.80
N GLU C 62 -34.62 16.41 27.23
CA GLU C 62 -35.05 15.10 26.77
C GLU C 62 -34.13 14.57 25.69
N ARG C 63 -33.66 15.46 24.81
CA ARG C 63 -32.74 15.03 23.77
C ARG C 63 -31.41 14.55 24.35
N VAL C 64 -30.95 15.12 25.47
CA VAL C 64 -29.70 14.57 26.01
C VAL C 64 -29.95 13.23 26.67
N GLN C 65 -31.14 13.01 27.24
CA GLN C 65 -31.41 11.71 27.82
C GLN C 65 -31.47 10.62 26.75
N ALA C 66 -31.95 10.97 25.55
CA ALA C 66 -31.99 9.99 24.47
C ALA C 66 -30.60 9.62 23.98
N LEU C 67 -29.69 10.60 23.84
CA LEU C 67 -28.38 10.26 23.30
C LEU C 67 -27.44 9.70 24.38
N HIS C 68 -27.64 10.09 25.64
CA HIS C 68 -26.84 9.53 26.72
C HIS C 68 -27.10 8.04 26.85
N SER C 69 -28.37 7.64 26.71
CA SER C 69 -28.80 6.25 26.68
C SER C 69 -28.22 5.49 25.49
N ALA C 70 -27.08 5.93 24.95
CA ALA C 70 -26.49 5.31 23.78
C ALA C 70 -25.11 5.89 23.45
N VAL C 71 -24.12 5.63 24.31
CA VAL C 71 -22.75 6.07 24.04
C VAL C 71 -21.78 4.89 24.13
N PRO C 78 -8.83 7.45 19.54
CA PRO C 78 -9.31 6.08 19.75
C PRO C 78 -8.31 4.99 19.31
N LEU C 79 -8.08 4.04 20.23
CA LEU C 79 -7.29 2.88 19.89
C LEU C 79 -8.04 1.95 18.93
N LYS C 80 -9.37 1.95 18.95
CA LYS C 80 -10.11 1.11 18.01
C LYS C 80 -9.85 1.50 16.56
N SER C 81 -9.90 2.79 16.26
CA SER C 81 -9.57 3.23 14.90
C SER C 81 -8.19 2.74 14.47
N LYS C 82 -7.18 2.92 15.33
CA LYS C 82 -5.83 2.51 14.99
C LYS C 82 -5.76 1.00 14.74
N HIS C 83 -6.47 0.24 15.55
CA HIS C 83 -6.37 -1.20 15.44
C HIS C 83 -7.21 -1.72 14.27
N GLN C 84 -8.27 -1.01 13.89
CA GLN C 84 -9.00 -1.36 12.68
C GLN C 84 -8.09 -1.22 11.46
N LEU C 85 -7.29 -0.14 11.42
CA LEU C 85 -6.37 0.08 10.31
C LEU C 85 -5.19 -0.87 10.39
N ASP C 86 -4.73 -1.19 11.61
CA ASP C 86 -3.62 -2.13 11.76
C ASP C 86 -4.01 -3.51 11.25
N LEU C 87 -5.21 -3.99 11.61
CA LEU C 87 -5.67 -5.29 11.16
C LEU C 87 -5.96 -5.29 9.67
N GLU C 88 -6.49 -4.16 9.16
CA GLU C 88 -6.65 -4.03 7.72
C GLU C 88 -5.29 -4.09 7.01
N ARG C 89 -4.26 -3.51 7.63
CA ARG C 89 -2.94 -3.55 7.02
C ARG C 89 -2.36 -4.95 7.07
N ALA C 90 -2.44 -5.62 8.22
CA ALA C 90 -1.97 -7.00 8.33
C ALA C 90 -2.61 -7.90 7.27
N HIS C 91 -3.95 -7.84 7.15
CA HIS C 91 -4.63 -8.63 6.13
C HIS C 91 -4.14 -8.27 4.73
N PHE C 92 -3.86 -6.99 4.50
CA PHE C 92 -3.37 -6.52 3.21
C PHE C 92 -1.97 -7.08 2.91
N LEU C 93 -1.06 -7.00 3.87
CA LEU C 93 0.29 -7.55 3.68
C LEU C 93 0.24 -9.04 3.36
N VAL C 94 -0.57 -9.81 4.12
CA VAL C 94 -0.70 -11.23 3.87
C VAL C 94 -1.26 -11.48 2.47
N THR C 95 -2.23 -10.67 2.06
CA THR C 95 -2.79 -10.80 0.72
C THR C 95 -1.72 -10.56 -0.34
N GLN C 96 -0.92 -9.51 -0.20
CA GLN C 96 0.20 -9.33 -1.12
C GLN C 96 1.15 -10.54 -1.11
N ALA C 97 1.47 -11.07 0.08
CA ALA C 97 2.33 -12.25 0.15
C ALA C 97 1.72 -13.45 -0.54
N PHE C 98 0.41 -13.68 -0.36
CA PHE C 98 -0.27 -14.75 -1.11
C PHE C 98 -0.04 -14.58 -2.59
N ASP C 99 -0.16 -13.34 -3.07
CA ASP C 99 0.02 -13.05 -4.49
C ASP C 99 1.42 -13.46 -4.96
N GLU C 100 2.47 -13.05 -4.23
CA GLU C 100 3.81 -13.47 -4.63
C GLU C 100 3.97 -14.99 -4.51
N ASP C 101 3.33 -15.59 -3.51
CA ASP C 101 3.40 -17.03 -3.33
C ASP C 101 2.86 -17.78 -4.56
N GLU C 102 1.60 -17.52 -4.92
CA GLU C 102 1.05 -18.21 -6.07
C GLU C 102 1.76 -17.82 -7.37
N LYS C 103 2.34 -16.62 -7.44
CA LYS C 103 3.18 -16.30 -8.59
C LYS C 103 4.59 -16.86 -8.44
N GLU C 104 4.88 -17.52 -7.32
CA GLU C 104 6.19 -18.10 -7.05
C GLU C 104 7.29 -17.06 -7.09
N ASN C 105 6.96 -15.83 -6.71
CA ASN C 105 8.00 -14.83 -6.40
C ASN C 105 8.41 -15.09 -4.95
N VAL C 106 9.29 -16.09 -4.81
CA VAL C 106 9.52 -16.72 -3.51
C VAL C 106 10.15 -15.74 -2.54
N GLU C 107 11.13 -14.97 -3.00
CA GLU C 107 11.87 -14.11 -2.10
C GLU C 107 10.98 -13.01 -1.56
N ASP C 108 10.16 -12.42 -2.44
CA ASP C 108 9.28 -11.35 -2.02
C ASP C 108 8.20 -11.86 -1.07
N ALA C 109 7.64 -13.03 -1.37
CA ALA C 109 6.66 -13.61 -0.47
C ALA C 109 7.24 -13.80 0.93
N ILE C 110 8.49 -14.23 1.01
CA ILE C 110 9.13 -14.39 2.30
C ILE C 110 9.20 -13.04 3.01
N GLU C 111 9.60 -11.99 2.28
CA GLU C 111 9.64 -10.66 2.89
C GLU C 111 8.26 -10.20 3.32
N LEU C 112 7.25 -10.41 2.48
CA LEU C 112 5.92 -9.92 2.83
C LEU C 112 5.36 -10.68 4.01
N TYR C 113 5.65 -11.99 4.09
CA TYR C 113 5.12 -12.78 5.20
C TYR C 113 5.75 -12.38 6.51
N THR C 114 7.03 -12.03 6.49
CA THR C 114 7.63 -11.69 7.76
C THR C 114 7.30 -10.27 8.19
N GLU C 115 6.93 -9.39 7.25
CA GLU C 115 6.43 -8.10 7.71
C GLU C 115 5.06 -8.25 8.34
N ALA C 116 4.23 -9.14 7.79
CA ALA C 116 2.98 -9.46 8.44
C ALA C 116 3.24 -10.03 9.84
N VAL C 117 4.28 -10.86 9.98
CA VAL C 117 4.62 -11.39 11.30
C VAL C 117 4.94 -10.24 12.25
N ASP C 118 5.88 -9.38 11.85
CA ASP C 118 6.30 -8.27 12.70
C ASP C 118 5.10 -7.38 13.06
N LEU C 119 4.22 -7.14 12.08
CA LEU C 119 3.06 -6.26 12.31
C LEU C 119 2.07 -6.93 13.25
N CYS C 120 1.93 -8.26 13.16
CA CYS C 120 0.95 -8.93 14.01
C CYS C 120 1.44 -9.01 15.44
N LEU C 121 2.74 -9.24 15.61
CA LEU C 121 3.30 -9.29 16.95
C LEU C 121 3.25 -7.91 17.59
N LYS C 122 3.54 -6.87 16.80
CA LYS C 122 3.59 -5.51 17.33
C LYS C 122 2.21 -5.05 17.78
N THR C 123 1.17 -5.33 16.99
CA THR C 123 -0.19 -5.00 17.41
C THR C 123 -0.60 -5.75 18.67
N SER C 124 -0.04 -6.93 18.94
CA SER C 124 -0.62 -7.67 20.07
C SER C 124 -0.08 -7.20 21.41
N TYR C 125 0.95 -6.38 21.39
CA TYR C 125 1.39 -5.74 22.61
C TYR C 125 0.61 -4.48 22.91
N GLU C 126 -0.26 -4.05 21.98
CA GLU C 126 -1.01 -2.81 22.10
C GLU C 126 -2.42 -3.01 22.60
N THR C 127 -2.73 -4.18 23.17
CA THR C 127 -4.08 -4.45 23.62
C THR C 127 -4.03 -5.47 24.75
N ALA C 128 -5.06 -5.42 25.60
CA ALA C 128 -5.29 -6.40 26.65
C ALA C 128 -6.34 -7.41 26.25
N ASP C 129 -6.97 -7.23 25.09
CA ASP C 129 -7.94 -8.18 24.54
C ASP C 129 -7.21 -9.49 24.21
N LYS C 130 -7.32 -10.47 25.10
CA LYS C 130 -6.62 -11.73 24.91
C LYS C 130 -7.15 -12.50 23.70
N VAL C 131 -8.38 -12.24 23.28
CA VAL C 131 -8.90 -13.00 22.14
C VAL C 131 -8.29 -12.48 20.86
N LEU C 132 -8.14 -11.16 20.76
CA LEU C 132 -7.41 -10.56 19.66
C LEU C 132 -5.92 -10.94 19.69
N GLN C 133 -5.30 -10.93 20.87
CA GLN C 133 -3.90 -11.34 20.96
C GLN C 133 -3.69 -12.72 20.37
N ASN C 134 -4.54 -13.68 20.73
CA ASN C 134 -4.33 -15.03 20.22
C ASN C 134 -4.57 -15.12 18.72
N LYS C 135 -5.54 -14.40 18.20
CA LYS C 135 -5.75 -14.47 16.75
C LYS C 135 -4.58 -13.82 16.02
N LEU C 136 -4.07 -12.73 16.56
CA LEU C 136 -2.87 -12.09 16.04
C LEU C 136 -1.68 -13.05 16.08
N LYS C 137 -1.48 -13.75 17.19
CA LYS C 137 -0.32 -14.62 17.28
C LYS C 137 -0.50 -15.85 16.39
N GLN C 138 -1.74 -16.29 16.18
CA GLN C 138 -1.97 -17.44 15.31
C GLN C 138 -1.72 -17.09 13.84
N LEU C 139 -2.03 -15.85 13.45
CA LEU C 139 -1.70 -15.43 12.08
C LEU C 139 -0.19 -15.28 11.92
N ALA C 140 0.49 -14.79 12.95
CA ALA C 140 1.94 -14.75 12.92
C ALA C 140 2.52 -16.15 12.74
N ARG C 141 2.03 -17.12 13.53
CA ARG C 141 2.51 -18.49 13.40
C ARG C 141 2.32 -19.00 11.99
N GLN C 142 1.14 -18.74 11.41
CA GLN C 142 0.87 -19.22 10.06
C GLN C 142 1.80 -18.57 9.03
N ALA C 143 1.99 -17.24 9.11
CA ALA C 143 2.83 -16.58 8.12
C ALA C 143 4.30 -16.97 8.30
N LEU C 144 4.76 -17.10 9.55
CA LEU C 144 6.14 -17.53 9.80
C LEU C 144 6.37 -18.93 9.27
N ASP C 145 5.43 -19.84 9.55
CA ASP C 145 5.55 -21.21 9.09
C ASP C 145 5.64 -21.29 7.58
N ARG C 146 4.82 -20.51 6.87
CA ARG C 146 4.81 -20.55 5.41
C ARG C 146 6.09 -19.96 4.82
N ALA C 147 6.57 -18.85 5.38
CA ALA C 147 7.82 -18.28 4.90
C ALA C 147 8.97 -19.27 5.07
N GLU C 148 9.06 -19.92 6.23
CA GLU C 148 10.15 -20.85 6.44
C GLU C 148 10.05 -22.05 5.48
N ALA C 149 8.84 -22.42 5.08
CA ALA C 149 8.72 -23.50 4.11
C ALA C 149 9.24 -23.04 2.76
N LEU C 150 8.98 -21.77 2.41
CA LEU C 150 9.51 -21.22 1.16
C LEU C 150 11.02 -21.05 1.21
N SER C 151 11.59 -20.79 2.38
CA SER C 151 13.02 -20.51 2.45
C SER C 151 13.86 -21.78 2.55
N GLU C 152 13.31 -22.83 3.16
CA GLU C 152 14.02 -24.08 3.37
C GLU C 152 13.03 -25.21 3.19
N PRO C 153 12.64 -25.50 1.95
CA PRO C 153 11.65 -26.58 1.72
C PRO C 153 12.28 -27.93 1.97
N LEU C 154 11.45 -28.87 2.44
CA LEU C 154 11.94 -30.21 2.72
C LEU C 154 11.54 -31.17 1.59
N VAL D 3 -34.47 32.40 16.22
CA VAL D 3 -35.48 31.46 16.74
C VAL D 3 -34.88 30.09 17.12
N LEU D 4 -35.27 29.56 18.30
CA LEU D 4 -34.64 28.32 18.85
C LEU D 4 -34.94 27.10 17.99
N PRO D 5 -33.93 26.38 17.51
CA PRO D 5 -34.18 25.24 16.63
C PRO D 5 -34.71 24.01 17.37
N GLU D 6 -35.25 23.08 16.59
CA GLU D 6 -35.87 21.88 17.14
C GLU D 6 -34.93 20.68 17.01
N LEU D 7 -35.22 19.64 17.79
CA LEU D 7 -34.47 18.41 17.72
C LEU D 7 -34.90 17.55 16.54
N PRO D 8 -34.03 16.65 16.08
CA PRO D 8 -34.45 15.67 15.06
C PRO D 8 -35.41 14.64 15.65
N SER D 9 -36.41 14.25 14.85
CA SER D 9 -37.18 13.03 15.12
C SER D 9 -36.27 11.79 15.20
N VAL D 10 -35.26 11.76 14.33
CA VAL D 10 -34.14 10.82 14.31
C VAL D 10 -33.73 10.35 15.71
N PRO D 11 -33.55 9.03 15.93
CA PRO D 11 -32.85 8.52 17.12
C PRO D 11 -31.38 8.17 16.87
N ASP D 28 -12.94 -4.66 11.87
CA ASP D 28 -12.39 -5.99 12.04
C ASP D 28 -11.91 -6.57 10.70
N ILE D 29 -11.09 -7.62 10.75
CA ILE D 29 -10.70 -8.35 9.54
C ILE D 29 -11.11 -9.82 9.62
N ASP D 30 -10.84 -10.55 8.53
CA ASP D 30 -11.24 -11.94 8.38
C ASP D 30 -10.00 -12.84 8.48
N PHE D 31 -9.75 -13.38 9.68
CA PHE D 31 -8.63 -14.30 9.85
C PHE D 31 -8.92 -15.67 9.25
N ASP D 32 -10.20 -16.04 9.20
CA ASP D 32 -10.57 -17.42 8.91
C ASP D 32 -10.19 -17.80 7.49
N ASP D 33 -10.40 -16.90 6.53
CA ASP D 33 -9.99 -17.17 5.16
C ASP D 33 -8.48 -17.18 5.02
N LEU D 34 -7.78 -16.32 5.77
CA LEU D 34 -6.34 -16.39 5.84
C LEU D 34 -5.90 -17.78 6.29
N SER D 35 -6.50 -18.30 7.38
CA SER D 35 -6.12 -19.62 7.83
C SER D 35 -6.47 -20.66 6.80
N ARG D 36 -7.62 -20.50 6.13
CA ARG D 36 -7.96 -21.42 5.06
C ARG D 36 -6.89 -21.41 3.97
N ARG D 37 -6.47 -20.22 3.53
CA ARG D 37 -5.49 -20.18 2.46
C ARG D 37 -4.16 -20.77 2.90
N PHE D 38 -3.77 -20.52 4.14
CA PHE D 38 -2.58 -21.18 4.67
C PHE D 38 -2.73 -22.70 4.65
N GLU D 39 -3.90 -23.22 5.03
CA GLU D 39 -4.15 -24.67 5.00
C GLU D 39 -4.00 -25.20 3.58
N GLU D 40 -4.62 -24.53 2.61
CA GLU D 40 -4.49 -24.92 1.22
C GLU D 40 -3.07 -24.75 0.71
N LEU D 41 -2.24 -23.95 1.38
CA LEU D 41 -0.89 -23.75 0.88
C LEU D 41 0.00 -24.96 1.15
N LYS D 42 -0.26 -25.70 2.23
CA LYS D 42 0.54 -26.88 2.54
C LYS D 42 0.27 -28.05 1.60
N LYS D 43 -0.34 -27.81 0.45
CA LYS D 43 -0.55 -28.86 -0.56
C LYS D 43 -0.31 -28.31 -1.97
#